data_7MYV
#
_entry.id   7MYV
#
_cell.length_a   161.255
_cell.length_b   161.255
_cell.length_c   109.738
_cell.angle_alpha   90.000
_cell.angle_beta   90.000
_cell.angle_gamma   120.000
#
_symmetry.space_group_name_H-M   'P 65 2 2'
#
loop_
_entity.id
_entity.type
_entity.pdbx_description
1 polymer Phosphomannomutase
2 non-polymer 'MAGNESIUM ION'
#
_entity_poly.entity_id   1
_entity_poly.type   'polypeptide(L)'
_entity_poly.pdbx_seq_one_letter_code
;GSHMNKKKAIFLFDVDGTLTISRKTIEQNVVDTLLELKSKKGFVLGIVGGSDYKKIREQIKYPEIFDYIFSENGVVAHKN
DEEYFAESIVNFLGEDRLKKLINYSLKYIANLDIPKKRGTFIELRNGIINISPIGRNCSQEERDEFFRYNLKNNTIEKFR
DNLSKEFEDFDLNFSMGGQISIDCFPKGWDKTFCLKHLENKFDEIYFFGDRTDKGGNDYELFCDKRVKGYKVKNPNDTVK
ILRENFL
;
_entity_poly.pdbx_strand_id   A,B
#
loop_
_chem_comp.id
_chem_comp.type
_chem_comp.name
_chem_comp.formula
MG non-polymer 'MAGNESIUM ION' 'Mg 2'
#
# COMPACT_ATOMS: atom_id res chain seq x y z
N ALA A 9 -21.01 -27.74 -12.72
CA ALA A 9 -20.13 -27.87 -11.56
C ALA A 9 -18.97 -26.87 -11.65
N ILE A 10 -18.60 -26.23 -10.53
CA ILE A 10 -17.47 -25.31 -10.50
C ILE A 10 -16.41 -25.90 -9.59
N PHE A 11 -15.18 -25.42 -9.77
CA PHE A 11 -14.06 -25.74 -8.89
C PHE A 11 -13.66 -24.47 -8.15
N LEU A 12 -13.27 -24.62 -6.88
CA LEU A 12 -12.93 -23.49 -6.02
C LEU A 12 -11.53 -23.68 -5.43
N PHE A 13 -10.78 -22.59 -5.35
CA PHE A 13 -9.36 -22.65 -5.02
C PHE A 13 -8.98 -21.52 -4.08
N ASP A 14 -8.07 -21.84 -3.17
CA ASP A 14 -7.36 -20.82 -2.40
C ASP A 14 -6.19 -20.31 -3.22
N VAL A 15 -5.96 -19.00 -3.19
CA VAL A 15 -4.92 -18.44 -4.06
C VAL A 15 -3.54 -18.67 -3.47
N ASP A 16 -3.30 -18.18 -2.26
CA ASP A 16 -1.97 -18.21 -1.64
C ASP A 16 -1.73 -19.58 -1.01
N GLY A 17 -0.83 -20.36 -1.59
CA GLY A 17 -0.45 -21.64 -1.04
C GLY A 17 -1.11 -22.83 -1.71
N THR A 18 -2.27 -22.64 -2.33
CA THR A 18 -2.99 -23.74 -2.98
C THR A 18 -2.80 -23.74 -4.49
N LEU A 19 -2.83 -22.56 -5.13
CA LEU A 19 -2.54 -22.44 -6.54
C LEU A 19 -1.14 -21.90 -6.82
N THR A 20 -0.58 -21.12 -5.91
CA THR A 20 0.77 -20.57 -6.09
C THR A 20 1.51 -20.61 -4.76
N ILE A 21 2.83 -20.63 -4.86
CA ILE A 21 3.66 -20.35 -3.69
C ILE A 21 3.27 -18.97 -3.18
N SER A 22 3.14 -18.85 -1.86
CA SER A 22 2.52 -17.65 -1.28
C SER A 22 3.31 -16.40 -1.63
N ARG A 23 2.58 -15.37 -2.07
CA ARG A 23 3.05 -14.03 -2.41
C ARG A 23 3.80 -13.97 -3.74
N LYS A 24 3.96 -15.07 -4.46
CA LYS A 24 4.62 -15.08 -5.76
C LYS A 24 3.64 -15.53 -6.84
N THR A 25 4.08 -15.47 -8.09
CA THR A 25 3.20 -15.75 -9.22
C THR A 25 3.04 -17.27 -9.39
N ILE A 26 2.38 -17.66 -10.48
CA ILE A 26 1.93 -19.03 -10.68
C ILE A 26 2.85 -19.74 -11.66
N GLU A 27 3.30 -20.94 -11.27
CA GLU A 27 4.13 -21.77 -12.13
C GLU A 27 3.30 -22.34 -13.28
N GLN A 28 3.96 -22.62 -14.40
CA GLN A 28 3.26 -23.09 -15.60
C GLN A 28 2.80 -24.53 -15.49
N ASN A 29 3.41 -25.34 -14.61
CA ASN A 29 2.95 -26.71 -14.41
C ASN A 29 1.47 -26.73 -14.04
N VAL A 30 1.04 -25.75 -13.23
CA VAL A 30 -0.31 -25.77 -12.68
C VAL A 30 -1.32 -25.25 -13.69
N VAL A 31 -1.01 -24.13 -14.36
CA VAL A 31 -1.98 -23.54 -15.28
C VAL A 31 -2.29 -24.50 -16.43
N ASP A 32 -1.28 -25.26 -16.88
CA ASP A 32 -1.53 -26.31 -17.87
C ASP A 32 -2.58 -27.29 -17.40
N THR A 33 -2.66 -27.51 -16.09
CA THR A 33 -3.64 -28.45 -15.54
C THR A 33 -5.04 -27.83 -15.50
N LEU A 34 -5.14 -26.54 -15.18
CA LEU A 34 -6.46 -25.89 -15.17
C LEU A 34 -7.04 -25.80 -16.57
N LEU A 35 -6.20 -25.51 -17.57
CA LEU A 35 -6.67 -25.46 -18.95
C LEU A 35 -7.31 -26.78 -19.36
N GLU A 36 -6.73 -27.90 -18.89
CA GLU A 36 -7.33 -29.20 -19.20
C GLU A 36 -8.68 -29.38 -18.53
N LEU A 37 -8.91 -28.71 -17.38
CA LEU A 37 -10.19 -28.87 -16.70
C LEU A 37 -11.30 -28.16 -17.44
N LYS A 38 -11.12 -26.86 -17.71
CA LYS A 38 -12.07 -26.15 -18.55
C LYS A 38 -12.10 -26.70 -19.97
N SER A 39 -11.18 -27.59 -20.32
CA SER A 39 -11.20 -28.32 -21.58
C SER A 39 -11.69 -29.75 -21.41
N LYS A 40 -12.23 -30.09 -20.25
CA LYS A 40 -12.86 -31.38 -20.04
C LYS A 40 -14.36 -31.16 -20.01
N LYS A 41 -15.10 -32.00 -20.73
CA LYS A 41 -16.49 -31.78 -21.12
C LYS A 41 -17.36 -31.36 -19.94
N GLY A 42 -17.32 -30.07 -19.59
CA GLY A 42 -18.26 -29.52 -18.60
C GLY A 42 -17.68 -29.01 -17.30
N PHE A 43 -16.76 -28.05 -17.36
CA PHE A 43 -16.12 -27.53 -16.15
C PHE A 43 -15.83 -26.04 -16.26
N VAL A 44 -16.08 -25.35 -15.15
CA VAL A 44 -15.80 -23.92 -14.97
C VAL A 44 -14.93 -23.74 -13.73
N LEU A 45 -14.12 -22.68 -13.74
CA LEU A 45 -13.11 -22.48 -12.73
C LEU A 45 -13.33 -21.17 -12.00
N GLY A 46 -13.26 -21.22 -10.68
CA GLY A 46 -13.42 -20.04 -9.86
C GLY A 46 -12.50 -20.08 -8.66
N ILE A 47 -12.12 -18.89 -8.20
CA ILE A 47 -11.15 -18.75 -7.13
C ILE A 47 -11.70 -17.82 -6.07
N VAL A 48 -11.25 -18.03 -4.83
CA VAL A 48 -11.66 -17.23 -3.68
C VAL A 48 -10.44 -17.04 -2.79
N GLY A 49 -10.07 -15.80 -2.55
CA GLY A 49 -8.88 -15.50 -1.77
C GLY A 49 -9.04 -14.20 -1.01
N GLY A 50 -8.33 -14.09 0.11
CA GLY A 50 -8.49 -12.94 0.98
C GLY A 50 -7.97 -11.65 0.38
N SER A 51 -7.08 -11.73 -0.60
CA SER A 51 -6.39 -10.55 -1.10
C SER A 51 -7.30 -9.70 -1.97
N ASP A 52 -6.99 -8.40 -2.04
CA ASP A 52 -7.67 -7.52 -2.98
C ASP A 52 -7.38 -7.97 -4.41
N TYR A 53 -8.26 -7.59 -5.33
CA TYR A 53 -8.22 -8.15 -6.67
C TYR A 53 -6.93 -7.82 -7.41
N LYS A 54 -6.38 -6.63 -7.20
CA LYS A 54 -5.12 -6.28 -7.88
C LYS A 54 -4.03 -7.30 -7.58
N LYS A 55 -3.87 -7.67 -6.30
CA LYS A 55 -2.89 -8.69 -5.96
C LYS A 55 -3.23 -10.02 -6.61
N ILE A 56 -4.50 -10.43 -6.56
CA ILE A 56 -4.92 -11.72 -7.12
C ILE A 56 -4.62 -11.78 -8.61
N ARG A 57 -5.12 -10.79 -9.38
CA ARG A 57 -4.85 -10.77 -10.81
C ARG A 57 -3.35 -10.79 -11.10
N GLU A 58 -2.57 -10.04 -10.32
CA GLU A 58 -1.11 -10.12 -10.42
C GLU A 58 -0.61 -11.55 -10.24
N GLN A 59 -1.23 -12.30 -9.33
CA GLN A 59 -0.72 -13.63 -9.00
C GLN A 59 -1.06 -14.65 -10.09
N ILE A 60 -2.19 -14.50 -10.78
CA ILE A 60 -2.68 -15.52 -11.70
C ILE A 60 -2.49 -15.15 -13.16
N LYS A 61 -1.87 -14.01 -13.45
CA LYS A 61 -1.58 -13.56 -14.82
C LYS A 61 -2.83 -13.41 -15.69
N TYR A 62 -3.66 -14.45 -15.78
CA TYR A 62 -4.80 -14.46 -16.69
C TYR A 62 -6.10 -14.67 -15.94
N PRO A 63 -6.89 -13.62 -15.70
CA PRO A 63 -8.22 -13.81 -15.10
C PRO A 63 -9.22 -14.48 -16.04
N GLU A 64 -8.82 -14.77 -17.28
CA GLU A 64 -9.73 -15.22 -18.32
C GLU A 64 -10.03 -16.72 -18.22
N ILE A 65 -9.15 -17.48 -17.58
CA ILE A 65 -9.40 -18.88 -17.28
C ILE A 65 -10.59 -19.03 -16.35
N PHE A 66 -10.89 -18.01 -15.56
CA PHE A 66 -11.82 -18.09 -14.45
C PHE A 66 -13.12 -17.39 -14.81
N ASP A 67 -14.23 -18.13 -14.83
CA ASP A 67 -15.53 -17.54 -15.06
C ASP A 67 -15.87 -16.54 -13.95
N TYR A 68 -15.75 -16.97 -12.70
CA TYR A 68 -16.03 -16.14 -11.53
C TYR A 68 -14.77 -16.01 -10.70
N ILE A 69 -14.41 -14.77 -10.34
CA ILE A 69 -13.27 -14.51 -9.47
C ILE A 69 -13.80 -13.79 -8.23
N PHE A 70 -13.57 -14.39 -7.06
CA PHE A 70 -14.03 -13.87 -5.78
C PHE A 70 -12.82 -13.45 -4.96
N SER A 71 -12.73 -12.16 -4.65
CA SER A 71 -11.64 -11.65 -3.82
C SER A 71 -12.19 -11.09 -2.52
N GLU A 72 -11.27 -10.86 -1.58
CA GLU A 72 -11.60 -10.48 -0.20
C GLU A 72 -12.66 -11.41 0.38
N ASN A 73 -12.46 -12.72 0.16
CA ASN A 73 -13.31 -13.78 0.70
C ASN A 73 -14.72 -13.79 0.11
N GLY A 74 -14.87 -13.30 -1.12
CA GLY A 74 -16.17 -13.28 -1.73
C GLY A 74 -17.02 -12.06 -1.45
N VAL A 75 -16.56 -11.16 -0.57
CA VAL A 75 -17.23 -9.88 -0.42
C VAL A 75 -16.99 -9.00 -1.62
N VAL A 76 -16.02 -9.37 -2.47
CA VAL A 76 -15.79 -8.75 -3.76
C VAL A 76 -15.83 -9.85 -4.80
N ALA A 77 -16.71 -9.72 -5.78
CA ALA A 77 -16.80 -10.67 -6.89
C ALA A 77 -16.38 -9.95 -8.15
N HIS A 78 -15.71 -10.68 -9.05
CA HIS A 78 -15.34 -10.14 -10.34
C HIS A 78 -15.73 -11.13 -11.44
N LYS A 79 -15.97 -10.60 -12.64
CA LYS A 79 -16.42 -11.41 -13.75
C LYS A 79 -15.94 -10.80 -15.06
N ASN A 80 -15.24 -11.59 -15.86
CA ASN A 80 -14.67 -11.14 -17.14
C ASN A 80 -13.86 -9.85 -16.97
N ASP A 81 -13.17 -9.75 -15.83
CA ASP A 81 -12.28 -8.64 -15.48
C ASP A 81 -13.04 -7.32 -15.29
N GLU A 82 -14.34 -7.38 -14.99
CA GLU A 82 -15.10 -6.21 -14.56
C GLU A 82 -15.56 -6.42 -13.12
N GLU A 83 -15.79 -5.31 -12.42
CA GLU A 83 -16.03 -5.42 -10.98
C GLU A 83 -17.37 -6.07 -10.67
N TYR A 84 -18.44 -5.66 -11.35
CA TYR A 84 -19.80 -6.05 -10.97
C TYR A 84 -20.03 -5.49 -9.56
N PHE A 85 -20.45 -6.28 -8.57
CA PHE A 85 -20.82 -5.65 -7.32
C PHE A 85 -20.26 -6.36 -6.09
N ALA A 86 -20.18 -5.59 -5.00
CA ALA A 86 -19.44 -5.93 -3.79
C ALA A 86 -19.69 -4.89 -2.70
N GLU A 87 -19.96 -5.32 -1.48
CA GLU A 87 -20.30 -4.38 -0.41
C GLU A 87 -19.05 -4.03 0.43
N SER A 88 -19.27 -3.22 1.46
CA SER A 88 -18.20 -2.69 2.29
C SER A 88 -18.57 -2.80 3.77
N ILE A 89 -17.55 -2.79 4.63
CA ILE A 89 -17.76 -2.92 6.06
C ILE A 89 -18.45 -1.70 6.65
N VAL A 90 -18.23 -0.51 6.07
CA VAL A 90 -18.89 0.68 6.59
C VAL A 90 -20.39 0.60 6.37
N ASN A 91 -20.83 -0.03 5.27
CA ASN A 91 -22.25 -0.26 5.06
C ASN A 91 -22.84 -1.18 6.11
N PHE A 92 -22.01 -1.92 6.83
CA PHE A 92 -22.46 -2.82 7.89
C PHE A 92 -22.49 -2.11 9.25
N LEU A 93 -21.33 -1.67 9.73
CA LEU A 93 -21.27 -0.96 11.00
C LEU A 93 -22.04 0.35 10.95
N GLY A 94 -21.88 1.09 9.87
CA GLY A 94 -22.40 2.44 9.80
C GLY A 94 -21.42 3.43 10.40
N GLU A 95 -21.55 4.68 9.95
CA GLU A 95 -20.53 5.69 10.27
C GLU A 95 -20.41 5.91 11.77
N ASP A 96 -21.46 5.62 12.55
CA ASP A 96 -21.40 5.89 13.98
C ASP A 96 -20.58 4.81 14.70
N ARG A 97 -21.04 3.55 14.65
CA ARG A 97 -20.31 2.49 15.33
C ARG A 97 -18.87 2.39 14.84
N LEU A 98 -18.60 2.80 13.60
CA LEU A 98 -17.24 2.74 13.09
C LEU A 98 -16.35 3.74 13.82
N LYS A 99 -16.79 5.00 13.92
CA LYS A 99 -16.05 6.00 14.68
C LYS A 99 -16.14 5.76 16.18
N LYS A 100 -16.51 4.53 16.57
CA LYS A 100 -16.45 4.06 17.94
C LYS A 100 -15.38 2.98 18.11
N LEU A 101 -15.42 1.96 17.24
CA LEU A 101 -14.37 0.95 17.20
C LEU A 101 -13.04 1.57 16.81
N ILE A 102 -13.06 2.51 15.85
CA ILE A 102 -11.83 3.14 15.40
C ILE A 102 -11.13 3.83 16.57
N ASN A 103 -11.76 4.85 17.15
CA ASN A 103 -11.10 5.65 18.18
C ASN A 103 -10.91 4.91 19.50
N TYR A 104 -11.57 3.76 19.71
CA TYR A 104 -11.15 2.91 20.82
C TYR A 104 -9.84 2.21 20.48
N SER A 105 -9.68 1.81 19.21
CA SER A 105 -8.47 1.10 18.79
C SER A 105 -7.24 2.00 18.88
N LEU A 106 -7.32 3.22 18.35
CA LEU A 106 -6.18 4.12 18.41
C LEU A 106 -5.85 4.50 19.86
N LYS A 107 -6.88 4.81 20.65
CA LYS A 107 -6.64 5.13 22.05
C LYS A 107 -5.98 3.97 22.79
N TYR A 108 -6.25 2.74 22.36
CA TYR A 108 -5.57 1.59 22.93
C TYR A 108 -4.17 1.45 22.34
N ILE A 109 -4.06 1.49 21.01
CA ILE A 109 -2.73 1.43 20.38
C ILE A 109 -1.83 2.52 20.92
N ALA A 110 -2.38 3.71 21.19
CA ALA A 110 -1.59 4.81 21.74
C ALA A 110 -0.98 4.44 23.08
N ASN A 111 -1.81 4.27 24.10
CA ASN A 111 -1.31 4.04 25.45
C ASN A 111 -0.61 2.69 25.63
N LEU A 112 -0.60 1.83 24.61
CA LEU A 112 0.12 0.58 24.70
C LEU A 112 1.62 0.83 24.70
N ASP A 113 2.32 0.27 25.68
CA ASP A 113 3.77 0.36 25.77
C ASP A 113 4.38 -0.82 25.01
N ILE A 114 4.75 -0.59 23.76
CA ILE A 114 5.57 -1.53 23.00
C ILE A 114 6.81 -0.78 22.57
N PRO A 115 7.91 -1.49 22.24
CA PRO A 115 9.16 -0.78 21.93
C PRO A 115 9.09 0.03 20.64
N LYS A 116 8.54 -0.53 19.56
CA LYS A 116 8.61 0.08 18.25
C LYS A 116 7.20 0.31 17.75
N LYS A 117 6.84 1.57 17.54
CA LYS A 117 5.59 1.91 16.87
C LYS A 117 5.89 2.68 15.59
N ARG A 118 5.06 2.41 14.58
CA ARG A 118 5.28 2.94 13.23
C ARG A 118 4.04 3.61 12.66
N GLY A 119 3.41 2.96 11.69
CA GLY A 119 2.28 3.59 11.03
C GLY A 119 1.41 2.57 10.32
N THR A 120 0.32 3.08 9.75
CA THR A 120 -0.77 2.28 9.21
C THR A 120 -1.27 1.30 10.26
N PHE A 121 -1.73 1.87 11.38
CA PHE A 121 -2.20 1.06 12.50
C PHE A 121 -3.57 0.47 12.22
N ILE A 122 -4.37 1.16 11.41
CA ILE A 122 -5.72 0.74 11.04
C ILE A 122 -5.84 0.81 9.53
N GLU A 123 -5.86 -0.35 8.89
CA GLU A 123 -6.06 -0.41 7.44
C GLU A 123 -7.49 -0.85 7.17
N LEU A 124 -8.21 -0.05 6.38
CA LEU A 124 -9.58 -0.34 6.02
C LEU A 124 -9.60 -0.99 4.65
N ARG A 125 -9.85 -2.30 4.61
CA ARG A 125 -10.15 -3.00 3.38
C ARG A 125 -11.67 -3.10 3.25
N ASN A 126 -12.13 -3.56 2.08
CA ASN A 126 -13.56 -3.73 1.87
C ASN A 126 -14.15 -4.75 2.84
N GLY A 127 -13.45 -5.86 3.03
CA GLY A 127 -13.97 -6.94 3.85
C GLY A 127 -13.66 -6.81 5.32
N ILE A 128 -12.42 -6.46 5.65
CA ILE A 128 -11.93 -6.46 7.03
C ILE A 128 -11.35 -5.11 7.39
N ILE A 129 -11.25 -4.86 8.69
CA ILE A 129 -10.48 -3.75 9.23
C ILE A 129 -9.24 -4.36 9.88
N ASN A 130 -8.07 -4.08 9.31
CA ASN A 130 -6.83 -4.65 9.83
C ASN A 130 -6.26 -3.70 10.86
N ILE A 131 -6.16 -4.18 12.10
CA ILE A 131 -5.63 -3.41 13.22
C ILE A 131 -4.29 -4.02 13.61
N SER A 132 -3.28 -3.17 13.79
CA SER A 132 -1.95 -3.69 14.06
C SER A 132 -1.18 -2.74 14.99
N PRO A 133 -0.80 -3.19 16.19
CA PRO A 133 -0.22 -2.24 17.15
C PRO A 133 1.14 -1.69 16.74
N ILE A 134 1.99 -2.50 16.11
CA ILE A 134 3.27 -1.97 15.62
C ILE A 134 3.04 -1.10 14.38
N GLY A 135 2.20 -1.56 13.46
CA GLY A 135 1.96 -0.84 12.23
C GLY A 135 2.24 -1.63 10.97
N ARG A 136 1.45 -1.40 9.93
CA ARG A 136 1.56 -2.22 8.73
C ARG A 136 2.88 -1.99 8.00
N ASN A 137 3.31 -0.74 7.87
CA ASN A 137 4.54 -0.44 7.14
C ASN A 137 5.71 -0.50 8.11
N CYS A 138 6.48 -1.58 8.03
CA CYS A 138 7.74 -1.71 8.76
C CYS A 138 8.56 -2.77 8.04
N SER A 139 9.84 -2.49 7.84
CA SER A 139 10.71 -3.40 7.12
C SER A 139 10.51 -4.83 7.61
N GLN A 140 10.26 -5.73 6.65
CA GLN A 140 10.09 -7.17 6.88
C GLN A 140 10.77 -7.71 8.13
N GLU A 141 11.93 -7.14 8.48
CA GLU A 141 12.60 -7.53 9.73
C GLU A 141 11.79 -7.09 10.95
N GLU A 142 11.41 -5.81 11.01
CA GLU A 142 10.58 -5.34 12.11
C GLU A 142 9.30 -6.14 12.23
N ARG A 143 8.76 -6.62 11.12
CA ARG A 143 7.63 -7.53 11.17
C ARG A 143 7.98 -8.80 11.95
N ASP A 144 9.06 -9.47 11.55
CA ASP A 144 9.49 -10.67 12.27
C ASP A 144 9.94 -10.32 13.68
N GLU A 145 10.63 -9.20 13.85
CA GLU A 145 11.13 -8.80 15.16
C GLU A 145 9.99 -8.63 16.17
N PHE A 146 8.84 -8.11 15.72
CA PHE A 146 7.70 -8.01 16.61
C PHE A 146 6.99 -9.34 16.80
N PHE A 147 7.08 -10.23 15.81
CA PHE A 147 6.45 -11.54 15.93
C PHE A 147 7.01 -12.30 17.12
N ARG A 148 8.32 -12.22 17.35
CA ARG A 148 8.94 -12.88 18.49
C ARG A 148 8.66 -12.14 19.79
N TYR A 149 8.63 -10.82 19.75
CA TYR A 149 8.14 -10.07 20.91
C TYR A 149 6.72 -10.47 21.26
N ASN A 150 5.96 -10.96 20.28
CA ASN A 150 4.62 -11.46 20.56
C ASN A 150 4.68 -12.79 21.29
N LEU A 151 5.61 -13.66 20.92
CA LEU A 151 5.69 -14.96 21.59
C LEU A 151 6.06 -14.80 23.06
N LYS A 152 6.81 -13.74 23.40
CA LYS A 152 7.21 -13.54 24.78
C LYS A 152 6.08 -12.97 25.63
N ASN A 153 5.35 -11.98 25.14
CA ASN A 153 4.36 -11.28 25.95
C ASN A 153 2.92 -11.44 25.47
N ASN A 154 2.67 -12.14 24.37
CA ASN A 154 1.33 -12.28 23.81
C ASN A 154 0.61 -10.94 23.75
N THR A 155 1.29 -9.95 23.17
CA THR A 155 0.73 -8.60 23.11
C THR A 155 -0.52 -8.54 22.26
N ILE A 156 -0.55 -9.32 21.17
CA ILE A 156 -1.63 -9.19 20.19
C ILE A 156 -2.88 -9.95 20.64
N GLU A 157 -2.70 -11.09 21.31
CA GLU A 157 -3.86 -11.82 21.84
C GLU A 157 -4.57 -11.02 22.93
N LYS A 158 -3.81 -10.27 23.72
CA LYS A 158 -4.44 -9.36 24.68
C LYS A 158 -5.29 -8.31 23.97
N PHE A 159 -4.82 -7.84 22.80
CA PHE A 159 -5.57 -6.86 22.03
C PHE A 159 -6.95 -7.39 21.64
N ARG A 160 -7.01 -8.57 21.03
CA ARG A 160 -8.31 -9.09 20.59
C ARG A 160 -9.25 -9.27 21.78
N ASP A 161 -8.72 -9.76 22.91
CA ASP A 161 -9.56 -10.00 24.07
C ASP A 161 -10.28 -8.73 24.54
N ASN A 162 -9.68 -7.56 24.31
CA ASN A 162 -10.37 -6.32 24.65
C ASN A 162 -11.48 -6.03 23.63
N LEU A 163 -11.11 -6.00 22.35
CA LEU A 163 -12.09 -5.75 21.29
C LEU A 163 -13.18 -6.82 21.28
N SER A 164 -12.79 -8.09 21.39
CA SER A 164 -13.77 -9.18 21.33
C SER A 164 -14.80 -9.07 22.43
N LYS A 165 -14.45 -8.43 23.55
CA LYS A 165 -15.38 -8.29 24.66
C LYS A 165 -16.07 -6.93 24.68
N GLU A 166 -15.29 -5.84 24.56
CA GLU A 166 -15.88 -4.51 24.52
C GLU A 166 -16.92 -4.41 23.41
N PHE A 167 -16.54 -4.83 22.20
CA PHE A 167 -17.45 -4.82 21.06
C PHE A 167 -18.09 -6.18 20.80
N GLU A 168 -18.41 -6.93 21.85
CA GLU A 168 -19.21 -8.13 21.64
C GLU A 168 -20.59 -7.77 21.13
N ASP A 169 -21.05 -6.56 21.44
CA ASP A 169 -22.37 -6.10 21.02
C ASP A 169 -22.44 -5.86 19.52
N PHE A 170 -21.30 -5.68 18.84
CA PHE A 170 -21.29 -5.24 17.46
C PHE A 170 -21.53 -6.36 16.45
N ASP A 171 -21.76 -7.59 16.90
CA ASP A 171 -21.74 -8.75 16.02
C ASP A 171 -20.44 -8.80 15.23
N LEU A 172 -19.33 -8.64 15.95
CA LEU A 172 -18.01 -8.54 15.37
C LEU A 172 -17.12 -9.66 15.87
N ASN A 173 -16.23 -10.12 15.00
CA ASN A 173 -15.23 -11.12 15.32
C ASN A 173 -13.85 -10.53 15.07
N PHE A 174 -12.93 -10.77 16.01
CA PHE A 174 -11.55 -10.30 15.91
C PHE A 174 -10.65 -11.52 16.01
N SER A 175 -10.19 -12.01 14.86
CA SER A 175 -9.30 -13.16 14.78
C SER A 175 -7.90 -12.66 14.47
N MET A 176 -6.91 -13.26 15.13
CA MET A 176 -5.52 -12.88 14.94
C MET A 176 -5.13 -12.97 13.47
N GLY A 177 -4.69 -11.86 12.91
CA GLY A 177 -4.27 -11.83 11.52
C GLY A 177 -2.91 -12.44 11.32
N GLY A 178 -2.06 -11.78 10.52
CA GLY A 178 -0.71 -12.23 10.30
C GLY A 178 0.17 -12.16 11.53
N GLN A 179 1.44 -11.79 11.33
CA GLN A 179 2.35 -11.74 12.47
C GLN A 179 2.12 -10.51 13.34
N ILE A 180 1.59 -9.43 12.78
CA ILE A 180 1.60 -8.14 13.49
C ILE A 180 0.22 -7.49 13.55
N SER A 181 -0.83 -8.16 13.08
CA SER A 181 -2.12 -7.52 12.97
C SER A 181 -3.25 -8.45 13.41
N ILE A 182 -4.36 -7.86 13.85
CA ILE A 182 -5.59 -8.59 14.12
C ILE A 182 -6.64 -8.14 13.11
N ASP A 183 -7.07 -9.08 12.27
CA ASP A 183 -8.14 -8.81 11.32
C ASP A 183 -9.45 -8.68 12.07
N CYS A 184 -10.25 -7.68 11.72
CA CYS A 184 -11.55 -7.44 12.33
C CYS A 184 -12.62 -7.42 11.24
N PHE A 185 -13.43 -8.48 11.18
CA PHE A 185 -14.49 -8.59 10.19
C PHE A 185 -15.82 -8.96 10.84
N PRO A 186 -16.93 -8.72 10.13
CA PRO A 186 -18.25 -9.05 10.69
C PRO A 186 -18.50 -10.55 10.73
N LYS A 187 -19.24 -10.97 11.75
CA LYS A 187 -19.49 -12.40 11.96
C LYS A 187 -20.18 -12.99 10.73
N GLY A 188 -19.73 -14.19 10.35
CA GLY A 188 -20.30 -14.83 9.18
C GLY A 188 -19.76 -14.33 7.86
N TRP A 189 -18.69 -13.53 7.88
CA TRP A 189 -18.03 -13.07 6.67
C TRP A 189 -16.69 -13.75 6.48
N ASP A 190 -16.57 -15.01 6.92
CA ASP A 190 -15.32 -15.75 6.83
C ASP A 190 -14.89 -15.96 5.38
N LYS A 191 -15.25 -17.12 4.83
CA LYS A 191 -15.06 -17.42 3.41
C LYS A 191 -16.30 -18.05 2.79
N THR A 192 -17.21 -18.58 3.60
CA THR A 192 -18.51 -19.10 3.19
C THR A 192 -19.39 -18.01 2.58
N PHE A 193 -18.89 -16.77 2.56
CA PHE A 193 -19.69 -15.68 2.00
C PHE A 193 -19.87 -15.84 0.50
N CYS A 194 -18.85 -16.33 -0.19
CA CYS A 194 -18.91 -16.46 -1.64
C CYS A 194 -19.97 -17.46 -2.10
N LEU A 195 -20.54 -18.25 -1.18
CA LEU A 195 -21.65 -19.11 -1.54
C LEU A 195 -22.86 -18.30 -1.99
N LYS A 196 -22.99 -17.06 -1.50
CA LYS A 196 -24.15 -16.24 -1.85
C LYS A 196 -24.23 -15.97 -3.34
N HIS A 197 -23.09 -15.91 -4.01
CA HIS A 197 -23.03 -15.56 -5.43
C HIS A 197 -23.19 -16.76 -6.35
N LEU A 198 -23.42 -17.95 -5.82
CA LEU A 198 -23.36 -19.18 -6.59
C LEU A 198 -24.64 -19.98 -6.47
N GLU A 199 -25.77 -19.33 -6.66
CA GLU A 199 -27.04 -20.01 -6.92
C GLU A 199 -27.30 -20.13 -8.41
N ASN A 200 -26.24 -20.05 -9.22
CA ASN A 200 -26.32 -19.97 -10.68
C ASN A 200 -26.53 -21.32 -11.34
N LYS A 201 -27.37 -22.19 -10.75
CA LYS A 201 -27.65 -23.51 -11.31
C LYS A 201 -26.38 -24.35 -11.41
N PHE A 202 -25.58 -24.34 -10.35
CA PHE A 202 -24.33 -25.10 -10.27
C PHE A 202 -24.56 -26.28 -9.32
N ASP A 203 -24.50 -27.49 -9.86
CA ASP A 203 -24.99 -28.65 -9.10
C ASP A 203 -23.98 -29.07 -8.03
N GLU A 204 -22.69 -29.07 -8.35
CA GLU A 204 -21.65 -29.51 -7.43
C GLU A 204 -20.46 -28.56 -7.46
N ILE A 205 -20.00 -28.15 -6.29
CA ILE A 205 -18.87 -27.24 -6.14
C ILE A 205 -17.81 -27.97 -5.31
N TYR A 206 -16.60 -28.08 -5.87
CA TYR A 206 -15.46 -28.67 -5.15
C TYR A 206 -14.48 -27.57 -4.76
N PHE A 207 -13.98 -27.64 -3.54
CA PHE A 207 -13.14 -26.61 -2.95
C PHE A 207 -11.77 -27.18 -2.59
N PHE A 208 -10.73 -26.35 -2.72
CA PHE A 208 -9.36 -26.76 -2.43
C PHE A 208 -8.65 -25.63 -1.68
N GLY A 209 -8.21 -25.92 -0.45
CA GLY A 209 -7.57 -24.91 0.38
C GLY A 209 -6.39 -25.48 1.13
N ASP A 210 -5.78 -24.63 1.97
CA ASP A 210 -4.59 -24.99 2.72
C ASP A 210 -4.92 -25.36 4.16
N ARG A 211 -5.29 -24.36 4.95
CA ARG A 211 -5.42 -24.51 6.40
C ARG A 211 -6.85 -24.90 6.78
N THR A 212 -7.30 -26.01 6.20
CA THR A 212 -8.70 -26.43 6.34
C THR A 212 -8.97 -27.04 7.71
N ASP A 213 -8.32 -26.52 8.75
CA ASP A 213 -8.53 -26.97 10.12
C ASP A 213 -9.01 -25.79 10.95
N LYS A 214 -9.66 -26.09 12.08
CA LYS A 214 -10.19 -25.03 12.93
C LYS A 214 -9.06 -24.12 13.40
N GLY A 215 -9.33 -22.82 13.42
CA GLY A 215 -8.28 -21.85 13.55
C GLY A 215 -7.62 -21.50 12.25
N GLY A 216 -8.27 -21.83 11.13
CA GLY A 216 -7.75 -21.53 9.81
C GLY A 216 -8.77 -20.80 8.96
N ASN A 217 -8.28 -20.20 7.87
CA ASN A 217 -9.11 -19.33 7.05
C ASN A 217 -10.22 -20.11 6.36
N ASP A 218 -9.87 -21.14 5.62
CA ASP A 218 -10.81 -21.91 4.81
C ASP A 218 -11.47 -23.05 5.59
N TYR A 219 -11.32 -23.07 6.92
CA TYR A 219 -11.97 -24.12 7.71
C TYR A 219 -13.49 -24.01 7.61
N GLU A 220 -14.04 -22.81 7.82
CA GLU A 220 -15.48 -22.65 7.83
C GLU A 220 -16.14 -23.03 6.51
N LEU A 221 -15.38 -23.03 5.40
CA LEU A 221 -15.92 -23.42 4.11
C LEU A 221 -16.03 -24.95 3.98
N PHE A 222 -14.96 -25.66 4.36
CA PHE A 222 -14.92 -27.11 4.24
C PHE A 222 -16.16 -27.77 4.85
N CYS A 223 -16.44 -27.49 6.11
CA CYS A 223 -17.53 -28.16 6.82
C CYS A 223 -18.89 -27.55 6.50
N ASP A 224 -18.94 -26.42 5.79
CA ASP A 224 -20.21 -25.97 5.24
C ASP A 224 -20.72 -27.05 4.30
N LYS A 225 -21.78 -27.74 4.72
CA LYS A 225 -22.33 -28.91 4.04
C LYS A 225 -22.47 -28.71 2.53
N ARG A 226 -22.77 -27.48 2.12
CA ARG A 226 -23.12 -27.13 0.75
C ARG A 226 -22.18 -27.74 -0.28
N VAL A 227 -20.92 -27.98 0.08
CA VAL A 227 -19.91 -28.31 -0.91
C VAL A 227 -18.94 -29.35 -0.35
N LYS A 228 -18.46 -30.22 -1.25
CA LYS A 228 -17.36 -31.12 -0.94
C LYS A 228 -16.04 -30.35 -0.94
N GLY A 229 -15.27 -30.49 0.13
CA GLY A 229 -13.98 -29.86 0.25
C GLY A 229 -12.87 -30.90 0.16
N TYR A 230 -11.74 -30.49 -0.40
CA TYR A 230 -10.53 -31.32 -0.44
C TYR A 230 -9.41 -30.55 0.22
N LYS A 231 -8.66 -31.21 1.07
CA LYS A 231 -7.48 -30.58 1.66
C LYS A 231 -6.27 -30.96 0.82
N VAL A 232 -5.52 -29.96 0.38
CA VAL A 232 -4.29 -30.16 -0.36
C VAL A 232 -3.13 -29.69 0.51
N LYS A 233 -1.95 -30.26 0.26
CA LYS A 233 -0.74 -29.79 0.93
C LYS A 233 -0.21 -28.52 0.25
N ASN A 234 0.34 -28.68 -0.96
CA ASN A 234 0.99 -27.60 -1.68
C ASN A 234 0.54 -27.60 -3.14
N PRO A 235 0.90 -26.60 -3.95
CA PRO A 235 0.43 -26.59 -5.35
C PRO A 235 0.83 -27.82 -6.16
N ASN A 236 2.03 -28.36 -5.97
CA ASN A 236 2.40 -29.58 -6.68
C ASN A 236 1.58 -30.77 -6.19
N ASP A 237 1.26 -30.79 -4.90
CA ASP A 237 0.33 -31.82 -4.44
C ASP A 237 -1.06 -31.56 -4.97
N THR A 238 -1.46 -30.29 -5.07
CA THR A 238 -2.76 -29.94 -5.64
C THR A 238 -2.94 -30.52 -7.03
N VAL A 239 -1.98 -30.24 -7.91
CA VAL A 239 -2.02 -30.77 -9.28
C VAL A 239 -2.17 -32.29 -9.25
N LYS A 240 -1.60 -32.93 -8.23
CA LYS A 240 -1.80 -34.36 -8.05
C LYS A 240 -3.25 -34.67 -7.68
N ILE A 241 -3.81 -33.93 -6.71
CA ILE A 241 -5.17 -34.20 -6.28
C ILE A 241 -6.17 -33.93 -7.40
N LEU A 242 -5.82 -33.05 -8.35
CA LEU A 242 -6.69 -32.84 -9.50
C LEU A 242 -6.56 -33.96 -10.52
N ARG A 243 -5.32 -34.27 -10.94
CA ARG A 243 -5.12 -35.31 -11.94
C ARG A 243 -5.65 -36.66 -11.47
N GLU A 244 -5.50 -36.97 -10.18
CA GLU A 244 -5.88 -38.29 -9.70
C GLU A 244 -7.38 -38.53 -9.78
N ASN A 245 -8.19 -37.55 -9.36
CA ASN A 245 -9.64 -37.72 -9.34
C ASN A 245 -10.34 -37.14 -10.56
N PHE A 246 -9.63 -36.38 -11.40
CA PHE A 246 -10.29 -35.76 -12.55
C PHE A 246 -9.47 -35.93 -13.82
N LYS B 8 31.98 15.04 -17.16
CA LYS B 8 31.30 14.65 -15.94
C LYS B 8 30.12 15.56 -15.64
N ALA B 9 28.94 15.18 -16.13
CA ALA B 9 27.73 15.96 -15.92
C ALA B 9 26.53 15.03 -15.87
N ILE B 10 25.64 15.26 -14.91
CA ILE B 10 24.44 14.45 -14.74
C ILE B 10 23.21 15.31 -15.00
N PHE B 11 22.12 14.64 -15.35
CA PHE B 11 20.87 15.30 -15.69
C PHE B 11 19.83 14.81 -14.68
N LEU B 12 19.16 15.73 -14.00
CA LEU B 12 18.19 15.39 -12.97
C LEU B 12 16.81 15.87 -13.36
N PHE B 13 15.79 15.03 -13.12
CA PHE B 13 14.42 15.35 -13.53
C PHE B 13 13.48 15.00 -12.39
N ASP B 14 12.71 15.98 -11.94
CA ASP B 14 11.46 15.67 -11.27
C ASP B 14 10.61 14.81 -12.21
N VAL B 15 9.90 13.83 -11.66
CA VAL B 15 9.25 12.88 -12.55
C VAL B 15 7.90 13.40 -13.03
N ASP B 16 7.06 13.86 -12.11
CA ASP B 16 5.79 14.45 -12.50
C ASP B 16 6.01 15.75 -13.26
N GLY B 17 5.41 15.86 -14.45
CA GLY B 17 5.41 17.11 -15.19
C GLY B 17 6.73 17.50 -15.83
N THR B 18 7.83 16.86 -15.47
CA THR B 18 9.09 17.06 -16.18
C THR B 18 9.44 15.89 -17.07
N LEU B 19 9.38 14.67 -16.54
CA LEU B 19 9.57 13.49 -17.37
C LEU B 19 8.25 12.94 -17.88
N THR B 20 7.24 12.86 -17.02
CA THR B 20 5.99 12.21 -17.33
C THR B 20 4.84 13.12 -16.98
N ILE B 21 3.69 12.84 -17.61
CA ILE B 21 2.44 13.46 -17.17
C ILE B 21 2.21 13.06 -15.72
N SER B 22 1.67 13.99 -14.93
CA SER B 22 1.55 13.83 -13.49
C SER B 22 0.90 12.50 -13.10
N ARG B 23 1.63 11.71 -12.32
CA ARG B 23 1.18 10.41 -11.80
C ARG B 23 0.60 9.52 -12.91
N LYS B 24 1.44 9.23 -13.89
CA LYS B 24 1.14 8.26 -14.94
C LYS B 24 2.43 7.74 -15.54
N THR B 25 2.33 6.66 -16.30
CA THR B 25 3.51 6.06 -16.90
C THR B 25 4.13 6.98 -17.95
N ILE B 26 5.38 6.70 -18.29
CA ILE B 26 6.13 7.57 -19.19
C ILE B 26 5.72 7.29 -20.62
N GLU B 27 5.52 8.36 -21.38
CA GLU B 27 5.28 8.24 -22.81
C GLU B 27 6.58 7.85 -23.51
N GLN B 28 6.49 7.56 -24.81
CA GLN B 28 7.64 7.05 -25.53
C GLN B 28 8.56 8.12 -26.09
N ASN B 29 8.05 9.35 -26.31
CA ASN B 29 8.94 10.39 -26.83
C ASN B 29 10.03 10.72 -25.83
N VAL B 30 9.71 10.70 -24.53
CA VAL B 30 10.68 11.06 -23.50
C VAL B 30 11.78 10.00 -23.41
N VAL B 31 11.39 8.73 -23.38
CA VAL B 31 12.38 7.67 -23.21
C VAL B 31 13.26 7.55 -24.46
N ASP B 32 12.67 7.71 -25.65
CA ASP B 32 13.46 7.78 -26.88
C ASP B 32 14.54 8.85 -26.79
N THR B 33 14.23 9.98 -26.15
CA THR B 33 15.18 11.08 -26.02
C THR B 33 16.20 10.84 -24.92
N LEU B 34 15.75 10.34 -23.78
CA LEU B 34 16.68 10.01 -22.70
C LEU B 34 17.68 8.96 -23.15
N LEU B 35 17.26 8.06 -24.05
CA LEU B 35 18.20 7.12 -24.65
C LEU B 35 19.14 7.82 -25.62
N GLU B 36 18.60 8.72 -26.44
CA GLU B 36 19.42 9.57 -27.30
C GLU B 36 20.09 10.67 -26.49
N LEU B 37 20.77 10.25 -25.43
CA LEU B 37 21.42 11.15 -24.48
C LEU B 37 22.46 10.32 -23.75
N LYS B 38 22.00 9.21 -23.16
CA LYS B 38 22.90 8.11 -22.82
C LYS B 38 23.67 7.64 -24.04
N SER B 39 23.24 8.03 -25.24
CA SER B 39 23.95 7.68 -26.47
C SER B 39 25.34 8.30 -26.50
N LYS B 40 25.40 9.63 -26.47
CA LYS B 40 26.67 10.33 -26.52
C LYS B 40 27.52 10.00 -25.30
N LYS B 41 28.74 9.53 -25.56
CA LYS B 41 29.68 9.16 -24.51
C LYS B 41 29.88 10.30 -23.52
N GLY B 42 29.85 9.97 -22.24
CA GLY B 42 30.05 10.94 -21.18
C GLY B 42 28.80 11.46 -20.52
N PHE B 43 27.65 10.87 -20.79
CA PHE B 43 26.38 11.35 -20.29
C PHE B 43 25.84 10.39 -19.25
N VAL B 44 25.39 10.93 -18.11
CA VAL B 44 24.75 10.15 -17.06
C VAL B 44 23.48 10.87 -16.63
N LEU B 45 22.45 10.09 -16.30
CA LEU B 45 21.13 10.62 -15.99
C LEU B 45 20.73 10.24 -14.57
N GLY B 46 20.22 11.21 -13.83
CA GLY B 46 19.56 10.95 -12.57
C GLY B 46 18.15 11.50 -12.60
N ILE B 47 17.32 11.01 -11.68
CA ILE B 47 16.02 11.64 -11.45
C ILE B 47 15.79 11.73 -9.97
N VAL B 48 15.04 12.75 -9.57
CA VAL B 48 14.75 12.99 -8.16
C VAL B 48 13.27 13.29 -8.05
N GLY B 49 12.58 12.56 -7.19
CA GLY B 49 11.14 12.68 -7.08
C GLY B 49 10.67 12.40 -5.68
N GLY B 50 9.48 12.90 -5.37
CA GLY B 50 8.95 12.75 -4.02
C GLY B 50 8.53 11.35 -3.68
N SER B 51 8.05 10.60 -4.67
CA SER B 51 7.52 9.27 -4.40
C SER B 51 8.63 8.31 -4.00
N ASP B 52 8.22 7.16 -3.48
CA ASP B 52 9.19 6.10 -3.23
C ASP B 52 9.51 5.37 -4.54
N TYR B 53 10.62 4.61 -4.51
CA TYR B 53 11.12 3.99 -5.73
C TYR B 53 10.06 3.10 -6.35
N LYS B 54 9.31 2.37 -5.53
CA LYS B 54 8.33 1.39 -6.03
C LYS B 54 7.48 1.96 -7.16
N LYS B 55 7.06 3.23 -7.04
CA LYS B 55 6.22 3.84 -8.04
C LYS B 55 7.03 4.54 -9.13
N ILE B 56 8.22 5.03 -8.80
CA ILE B 56 9.06 5.67 -9.82
C ILE B 56 9.51 4.64 -10.85
N ARG B 57 9.84 3.43 -10.40
CA ARG B 57 10.15 2.36 -11.35
C ARG B 57 8.94 2.04 -12.21
N GLU B 58 7.76 1.96 -11.58
CA GLU B 58 6.52 1.77 -12.33
C GLU B 58 6.32 2.88 -13.34
N GLN B 59 6.60 4.13 -12.95
CA GLN B 59 6.37 5.27 -13.83
C GLN B 59 7.25 5.20 -15.09
N ILE B 60 8.55 4.99 -14.90
CA ILE B 60 9.51 5.14 -15.99
C ILE B 60 9.84 3.83 -16.67
N LYS B 61 9.36 2.70 -16.16
CA LYS B 61 9.71 1.37 -16.65
C LYS B 61 11.24 1.24 -16.58
N TYR B 62 11.84 0.59 -17.60
CA TYR B 62 13.27 0.28 -17.72
C TYR B 62 14.15 1.16 -16.83
N PRO B 63 14.33 0.82 -15.56
CA PRO B 63 15.05 1.74 -14.67
C PRO B 63 16.55 1.71 -14.87
N GLU B 64 17.06 0.72 -15.59
CA GLU B 64 18.48 0.66 -15.91
C GLU B 64 18.92 1.81 -16.80
N ILE B 65 17.98 2.62 -17.31
CA ILE B 65 18.32 3.80 -18.08
C ILE B 65 19.06 4.81 -17.21
N PHE B 66 18.63 4.97 -15.96
CA PHE B 66 19.22 5.95 -15.06
C PHE B 66 20.26 5.28 -14.18
N ASP B 67 21.47 5.82 -14.20
CA ASP B 67 22.50 5.40 -13.27
C ASP B 67 22.05 5.62 -11.83
N TYR B 68 21.82 6.88 -11.48
CA TYR B 68 21.32 7.23 -10.14
C TYR B 68 19.83 7.54 -10.22
N ILE B 69 19.06 6.94 -9.33
CA ILE B 69 17.62 7.23 -9.20
C ILE B 69 17.37 7.56 -7.73
N PHE B 70 17.55 8.83 -7.35
CA PHE B 70 17.28 9.28 -6.00
C PHE B 70 15.77 9.33 -5.77
N SER B 71 15.25 8.40 -4.97
CA SER B 71 13.84 8.33 -4.67
C SER B 71 13.55 8.97 -3.31
N GLU B 72 12.28 9.29 -3.08
CA GLU B 72 11.82 9.94 -1.86
C GLU B 72 12.68 11.16 -1.51
N ASN B 73 12.82 12.05 -2.51
CA ASN B 73 13.56 13.30 -2.36
C ASN B 73 15.03 13.07 -1.99
N GLY B 74 15.59 11.93 -2.40
CA GLY B 74 16.98 11.66 -2.13
C GLY B 74 17.28 11.11 -0.76
N VAL B 75 16.28 10.87 0.08
CA VAL B 75 16.54 10.15 1.32
C VAL B 75 16.72 8.66 1.04
N VAL B 76 16.34 8.21 -0.14
CA VAL B 76 16.50 6.82 -0.58
C VAL B 76 17.06 6.88 -1.99
N ALA B 77 18.33 6.51 -2.15
CA ALA B 77 19.02 6.59 -3.43
C ALA B 77 19.34 5.19 -3.93
N HIS B 78 19.22 4.99 -5.24
CA HIS B 78 19.48 3.68 -5.84
C HIS B 78 20.43 3.82 -7.02
N LYS B 79 21.33 2.86 -7.15
CA LYS B 79 22.27 2.77 -8.25
C LYS B 79 22.01 1.49 -9.02
N ASN B 80 21.71 1.63 -10.32
CA ASN B 80 21.46 0.50 -11.21
C ASN B 80 20.52 -0.52 -10.57
N ASP B 81 19.37 -0.02 -10.10
CA ASP B 81 18.32 -0.85 -9.51
C ASP B 81 18.80 -1.58 -8.26
N GLU B 82 19.76 -0.99 -7.54
CA GLU B 82 20.24 -1.53 -6.27
C GLU B 82 20.27 -0.41 -5.24
N GLU B 83 19.52 -0.58 -4.15
CA GLU B 83 19.53 0.39 -3.07
C GLU B 83 20.94 0.54 -2.52
N TYR B 84 21.47 1.77 -2.53
CA TYR B 84 22.82 1.97 -2.04
C TYR B 84 22.90 2.84 -0.80
N PHE B 85 21.90 3.68 -0.52
CA PHE B 85 21.82 4.36 0.75
C PHE B 85 20.36 4.71 1.03
N ALA B 86 19.99 4.72 2.30
CA ALA B 86 18.61 5.05 2.68
C ALA B 86 18.56 5.47 4.15
N GLU B 87 18.19 6.73 4.38
CA GLU B 87 17.88 7.23 5.71
C GLU B 87 16.40 7.00 6.02
N SER B 88 16.03 7.23 7.28
CA SER B 88 14.65 7.04 7.71
C SER B 88 14.35 8.04 8.82
N ILE B 89 13.05 8.28 9.01
CA ILE B 89 12.61 9.20 10.07
C ILE B 89 12.99 8.65 11.44
N VAL B 90 12.94 7.32 11.61
CA VAL B 90 13.27 6.72 12.91
C VAL B 90 14.70 7.05 13.30
N ASN B 91 15.64 7.01 12.35
CA ASN B 91 17.02 7.40 12.64
C ASN B 91 17.09 8.86 13.03
N PHE B 92 16.31 9.72 12.39
CA PHE B 92 16.40 11.14 12.69
C PHE B 92 15.82 11.45 14.07
N LEU B 93 14.51 11.23 14.24
CA LEU B 93 13.90 11.48 15.53
C LEU B 93 14.47 10.56 16.60
N GLY B 94 14.13 9.27 16.51
CA GLY B 94 14.53 8.34 17.54
C GLY B 94 13.37 7.42 17.84
N GLU B 95 13.69 6.16 18.15
CA GLU B 95 12.66 5.16 18.39
C GLU B 95 11.72 5.60 19.51
N ASP B 96 12.21 6.38 20.46
CA ASP B 96 11.42 6.84 21.59
C ASP B 96 10.78 8.19 21.33
N ARG B 97 11.49 9.08 20.63
CA ARG B 97 10.90 10.37 20.25
C ARG B 97 9.77 10.18 19.25
N LEU B 98 9.91 9.22 18.33
CA LEU B 98 8.85 8.94 17.37
C LEU B 98 7.56 8.53 18.07
N LYS B 99 7.67 7.66 19.08
CA LYS B 99 6.48 7.16 19.74
C LYS B 99 5.70 8.27 20.43
N LYS B 100 6.37 9.34 20.85
CA LYS B 100 5.66 10.50 21.35
C LYS B 100 4.77 11.09 20.25
N LEU B 101 5.32 11.28 19.06
CA LEU B 101 4.53 11.74 17.92
C LEU B 101 3.36 10.81 17.65
N ILE B 102 3.64 9.51 17.55
CA ILE B 102 2.60 8.52 17.32
C ILE B 102 1.55 8.58 18.42
N ASN B 103 2.01 8.65 19.67
CA ASN B 103 1.08 8.69 20.80
C ASN B 103 0.18 9.93 20.74
N TYR B 104 0.78 11.10 20.49
CA TYR B 104 -0.02 12.33 20.45
C TYR B 104 -1.03 12.29 19.31
N SER B 105 -0.57 12.00 18.09
CA SER B 105 -1.43 12.13 16.92
C SER B 105 -2.62 11.19 16.99
N LEU B 106 -2.37 9.91 17.34
CA LEU B 106 -3.48 8.96 17.46
C LEU B 106 -4.46 9.41 18.54
N LYS B 107 -3.97 9.95 19.65
CA LYS B 107 -4.85 10.49 20.67
C LYS B 107 -5.65 11.69 20.16
N TYR B 108 -5.06 12.47 19.26
CA TYR B 108 -5.76 13.63 18.70
C TYR B 108 -6.91 13.17 17.82
N ILE B 109 -6.62 12.41 16.76
CA ILE B 109 -7.63 12.07 15.77
C ILE B 109 -8.76 11.24 16.38
N ALA B 110 -8.50 10.53 17.48
CA ALA B 110 -9.57 9.77 18.13
C ALA B 110 -10.60 10.70 18.75
N ASN B 111 -10.14 11.73 19.46
CA ASN B 111 -11.04 12.70 20.06
C ASN B 111 -11.66 13.62 19.01
N LEU B 112 -10.97 13.81 17.88
CA LEU B 112 -11.53 14.58 16.77
C LEU B 112 -12.91 14.06 16.42
N ASP B 113 -13.87 14.97 16.30
CA ASP B 113 -15.23 14.64 15.90
C ASP B 113 -15.43 15.14 14.48
N ILE B 114 -15.36 14.23 13.52
CA ILE B 114 -15.59 14.57 12.12
C ILE B 114 -16.54 13.53 11.54
N PRO B 115 -17.28 13.88 10.47
CA PRO B 115 -18.40 13.02 10.06
C PRO B 115 -17.99 11.58 9.79
N LYS B 116 -16.85 11.39 9.11
CA LYS B 116 -16.36 10.07 8.74
C LYS B 116 -14.90 9.94 9.16
N LYS B 117 -14.53 8.75 9.60
CA LYS B 117 -13.14 8.35 9.78
C LYS B 117 -12.96 6.99 9.14
N ARG B 118 -11.91 6.83 8.35
CA ARG B 118 -11.71 5.59 7.59
C ARG B 118 -10.54 4.79 8.11
N GLY B 119 -9.45 4.73 7.35
CA GLY B 119 -8.28 3.98 7.76
C GLY B 119 -7.02 4.65 7.27
N THR B 120 -5.88 4.10 7.73
CA THR B 120 -4.55 4.59 7.37
C THR B 120 -4.38 6.06 7.79
N PHE B 121 -4.54 6.30 9.10
CA PHE B 121 -4.53 7.67 9.61
C PHE B 121 -3.12 8.23 9.67
N ILE B 122 -2.13 7.39 9.94
CA ILE B 122 -0.72 7.77 9.94
C ILE B 122 0.05 6.81 9.04
N GLU B 123 0.64 7.35 7.98
CA GLU B 123 1.58 6.61 7.15
C GLU B 123 2.99 7.05 7.50
N LEU B 124 3.90 6.09 7.61
CA LEU B 124 5.29 6.38 7.91
C LEU B 124 6.10 5.94 6.69
N ARG B 125 6.33 6.87 5.77
CA ARG B 125 7.28 6.60 4.72
C ARG B 125 8.69 6.81 5.27
N ASN B 126 9.70 6.42 4.49
CA ASN B 126 11.08 6.60 4.95
C ASN B 126 11.43 8.06 5.13
N GLY B 127 10.85 8.95 4.34
CA GLY B 127 11.23 10.35 4.37
C GLY B 127 10.28 11.26 5.12
N ILE B 128 8.98 10.97 5.07
CA ILE B 128 7.96 11.84 5.65
C ILE B 128 6.89 11.00 6.34
N ILE B 129 6.15 11.66 7.23
CA ILE B 129 4.96 11.08 7.86
C ILE B 129 3.73 11.81 7.33
N ASN B 130 2.79 11.06 6.78
CA ASN B 130 1.53 11.61 6.28
C ASN B 130 0.42 11.38 7.30
N ILE B 131 -0.01 12.45 7.94
CA ILE B 131 -1.07 12.41 8.94
C ILE B 131 -2.36 12.89 8.29
N SER B 132 -3.44 12.13 8.51
CA SER B 132 -4.73 12.47 7.97
C SER B 132 -5.78 12.23 9.06
N PRO B 133 -6.64 13.20 9.33
CA PRO B 133 -7.72 12.98 10.29
C PRO B 133 -8.92 12.19 9.75
N ILE B 134 -9.16 12.16 8.44
CA ILE B 134 -10.15 11.25 7.88
C ILE B 134 -9.53 9.91 7.51
N GLY B 135 -8.21 9.79 7.51
CA GLY B 135 -7.55 8.59 7.08
C GLY B 135 -7.25 8.60 5.60
N ARG B 136 -6.10 8.05 5.22
CA ARG B 136 -5.70 7.99 3.81
C ARG B 136 -6.54 6.99 3.02
N ASN B 137 -7.27 6.10 3.69
CA ASN B 137 -7.91 4.95 3.07
C ASN B 137 -9.31 5.24 2.56
N CYS B 138 -9.63 6.50 2.26
CA CYS B 138 -10.98 6.88 1.86
C CYS B 138 -11.13 6.93 0.33
N SER B 139 -12.37 6.85 -0.12
CA SER B 139 -12.67 6.99 -1.54
C SER B 139 -12.36 8.41 -2.01
N GLN B 140 -12.28 8.57 -3.34
CA GLN B 140 -12.00 9.88 -3.91
C GLN B 140 -13.11 10.87 -3.60
N GLU B 141 -14.36 10.40 -3.59
CA GLU B 141 -15.44 11.28 -3.18
C GLU B 141 -15.27 11.73 -1.74
N GLU B 142 -15.05 10.77 -0.82
CA GLU B 142 -14.85 11.12 0.58
C GLU B 142 -13.66 12.04 0.77
N ARG B 143 -12.72 12.08 -0.18
CA ARG B 143 -11.58 12.96 -0.11
C ARG B 143 -11.99 14.42 -0.23
N ASP B 144 -12.48 14.82 -1.40
CA ASP B 144 -12.85 16.22 -1.59
C ASP B 144 -14.09 16.58 -0.78
N GLU B 145 -14.94 15.59 -0.46
CA GLU B 145 -16.04 15.84 0.45
C GLU B 145 -15.54 16.28 1.82
N PHE B 146 -14.41 15.73 2.26
CA PHE B 146 -13.76 16.26 3.46
C PHE B 146 -13.03 17.57 3.16
N PHE B 147 -12.57 17.76 1.92
CA PHE B 147 -11.99 19.04 1.54
C PHE B 147 -12.99 20.17 1.76
N ARG B 148 -14.22 19.99 1.28
CA ARG B 148 -15.29 20.93 1.58
C ARG B 148 -15.45 21.10 3.09
N TYR B 149 -15.49 19.98 3.82
CA TYR B 149 -15.55 20.04 5.28
C TYR B 149 -14.42 20.90 5.85
N ASN B 150 -13.20 20.72 5.33
CA ASN B 150 -12.08 21.50 5.81
C ASN B 150 -12.27 23.00 5.56
N LEU B 151 -13.17 23.38 4.65
CA LEU B 151 -13.44 24.79 4.40
C LEU B 151 -14.43 25.38 5.38
N LYS B 152 -15.29 24.57 5.99
CA LYS B 152 -16.30 25.09 6.89
C LYS B 152 -15.77 25.26 8.31
N ASN B 153 -14.89 24.37 8.75
CA ASN B 153 -14.33 24.45 10.09
C ASN B 153 -12.87 24.87 10.10
N ASN B 154 -12.12 24.55 9.05
CA ASN B 154 -10.68 24.73 8.99
C ASN B 154 -10.02 23.84 10.04
N THR B 155 -10.14 22.52 9.86
CA THR B 155 -9.61 21.57 10.82
C THR B 155 -8.13 21.29 10.59
N ILE B 156 -7.76 20.99 9.33
CA ILE B 156 -6.37 20.69 9.00
C ILE B 156 -5.45 21.80 9.47
N GLU B 157 -5.86 23.06 9.27
CA GLU B 157 -5.05 24.17 9.79
C GLU B 157 -4.92 24.09 11.30
N LYS B 158 -6.02 23.79 12.00
CA LYS B 158 -5.94 23.64 13.45
C LYS B 158 -5.04 22.46 13.82
N PHE B 159 -5.30 21.29 13.27
CA PHE B 159 -4.47 20.11 13.50
C PHE B 159 -3.00 20.43 13.26
N ARG B 160 -2.68 20.94 12.07
CA ARG B 160 -1.32 21.37 11.76
C ARG B 160 -0.82 22.41 12.77
N ASP B 161 -1.56 23.51 12.92
CA ASP B 161 -1.11 24.60 13.79
C ASP B 161 -1.05 24.17 15.25
N ASN B 162 -1.93 23.25 15.67
CA ASN B 162 -1.98 22.86 17.07
C ASN B 162 -0.75 22.03 17.44
N LEU B 163 -0.42 21.03 16.63
CA LEU B 163 0.69 20.15 16.95
C LEU B 163 2.03 20.69 16.48
N SER B 164 2.04 21.64 15.52
CA SER B 164 3.28 22.33 15.18
C SER B 164 3.81 23.09 16.37
N LYS B 165 2.92 23.55 17.25
CA LYS B 165 3.33 24.17 18.50
C LYS B 165 3.78 23.16 19.54
N GLU B 166 3.50 21.86 19.32
CA GLU B 166 3.93 20.83 20.25
C GLU B 166 5.38 20.39 19.99
N PHE B 167 5.75 20.23 18.72
CA PHE B 167 7.08 19.77 18.34
C PHE B 167 7.85 20.83 17.57
N GLU B 168 7.44 22.09 17.66
CA GLU B 168 8.16 23.27 17.18
C GLU B 168 9.67 23.22 17.39
N ASP B 169 10.41 23.39 16.29
CA ASP B 169 11.87 23.53 16.33
C ASP B 169 12.54 22.35 17.00
N PHE B 170 12.01 21.15 16.75
CA PHE B 170 12.71 19.92 17.08
C PHE B 170 13.06 19.25 15.76
N ASP B 171 13.56 20.07 14.83
CA ASP B 171 13.94 19.68 13.48
C ASP B 171 12.83 18.87 12.83
N LEU B 172 11.59 19.30 13.01
CA LEU B 172 10.43 18.69 12.38
C LEU B 172 9.58 19.76 11.73
N ASN B 173 9.17 19.51 10.49
CA ASN B 173 8.38 20.46 9.70
C ASN B 173 7.02 19.85 9.45
N PHE B 174 5.96 20.65 9.56
CA PHE B 174 4.57 20.17 9.40
C PHE B 174 3.86 21.05 8.38
N SER B 175 3.99 20.71 7.10
CA SER B 175 3.31 21.44 6.04
C SER B 175 2.10 20.66 5.53
N MET B 176 1.05 21.40 5.14
CA MET B 176 -0.15 20.78 4.60
C MET B 176 0.11 20.15 3.25
N GLY B 177 -0.56 19.03 3.00
CA GLY B 177 -0.41 18.32 1.75
C GLY B 177 -1.75 17.81 1.28
N GLY B 178 -1.93 17.81 -0.05
CA GLY B 178 -3.17 17.40 -0.65
C GLY B 178 -4.33 18.17 -0.08
N GLN B 179 -5.48 17.48 0.03
CA GLN B 179 -6.68 18.07 0.59
C GLN B 179 -7.02 17.55 1.99
N ILE B 180 -6.53 16.35 2.34
CA ILE B 180 -7.01 15.61 3.49
C ILE B 180 -5.89 15.25 4.46
N SER B 181 -4.68 15.75 4.26
CA SER B 181 -3.55 15.30 5.04
C SER B 181 -2.62 16.47 5.36
N ILE B 182 -1.80 16.28 6.38
CA ILE B 182 -0.64 17.13 6.61
C ILE B 182 0.59 16.24 6.54
N ASP B 183 1.57 16.67 5.74
CA ASP B 183 2.81 15.94 5.61
C ASP B 183 3.82 16.52 6.59
N CYS B 184 4.65 15.65 7.16
CA CYS B 184 5.56 16.12 8.19
C CYS B 184 6.85 15.31 8.12
N PHE B 185 7.97 15.99 8.26
CA PHE B 185 9.26 15.40 7.93
C PHE B 185 10.36 16.26 8.56
N PRO B 186 11.58 15.71 8.68
CA PRO B 186 12.67 16.47 9.31
C PRO B 186 13.03 17.73 8.53
N LYS B 187 13.55 18.71 9.26
CA LYS B 187 14.03 19.94 8.64
C LYS B 187 15.25 19.66 7.77
N GLY B 188 15.28 20.25 6.59
CA GLY B 188 16.36 20.06 5.66
C GLY B 188 16.20 18.87 4.73
N TRP B 189 15.10 18.14 4.83
CA TRP B 189 14.90 16.92 4.04
C TRP B 189 13.97 17.17 2.87
N ASP B 190 14.27 18.18 2.05
CA ASP B 190 13.47 18.42 0.86
C ASP B 190 14.17 17.86 -0.37
N LYS B 191 13.92 18.46 -1.54
CA LYS B 191 14.49 17.95 -2.78
C LYS B 191 16.01 18.13 -2.86
N THR B 192 16.58 19.08 -2.12
CA THR B 192 18.03 19.25 -2.14
C THR B 192 18.77 18.15 -1.39
N PHE B 193 18.07 17.32 -0.59
CA PHE B 193 18.72 16.21 0.10
C PHE B 193 19.49 15.34 -0.89
N CYS B 194 18.93 15.17 -2.09
CA CYS B 194 19.59 14.36 -3.13
C CYS B 194 20.93 14.94 -3.55
N LEU B 195 21.18 16.23 -3.26
CA LEU B 195 22.46 16.81 -3.63
C LEU B 195 23.59 16.24 -2.78
N LYS B 196 23.28 15.79 -1.57
CA LYS B 196 24.29 15.19 -0.70
C LYS B 196 25.01 14.03 -1.37
N HIS B 197 24.44 13.45 -2.42
CA HIS B 197 25.08 12.39 -3.18
C HIS B 197 25.85 12.92 -4.38
N LEU B 198 25.99 14.23 -4.52
CA LEU B 198 26.70 14.80 -5.67
C LEU B 198 28.03 15.44 -5.29
N GLU B 199 28.62 15.02 -4.18
CA GLU B 199 30.04 15.28 -3.95
C GLU B 199 30.92 14.31 -4.73
N ASN B 200 30.32 13.47 -5.58
CA ASN B 200 31.03 12.43 -6.32
C ASN B 200 31.71 12.98 -7.58
N LYS B 201 32.51 14.03 -7.42
CA LYS B 201 33.22 14.68 -8.53
C LYS B 201 32.29 14.95 -9.70
N PHE B 202 31.01 15.21 -9.42
CA PHE B 202 30.06 15.63 -10.45
C PHE B 202 30.19 17.13 -10.62
N ASP B 203 30.80 17.55 -11.73
CA ASP B 203 31.16 18.96 -11.90
C ASP B 203 29.92 19.82 -12.13
N GLU B 204 29.12 19.49 -13.13
CA GLU B 204 27.92 20.26 -13.44
C GLU B 204 26.68 19.38 -13.36
N ILE B 205 25.61 19.94 -12.82
CA ILE B 205 24.35 19.24 -12.59
C ILE B 205 23.25 20.02 -13.32
N TYR B 206 22.66 19.39 -14.34
CA TYR B 206 21.51 19.97 -15.04
C TYR B 206 20.23 19.39 -14.47
N PHE B 207 19.36 20.26 -13.95
CA PHE B 207 18.13 19.86 -13.30
C PHE B 207 16.94 20.41 -14.06
N PHE B 208 15.84 19.65 -14.05
CA PHE B 208 14.62 20.03 -14.74
C PHE B 208 13.44 19.83 -13.80
N GLY B 209 12.55 20.82 -13.73
CA GLY B 209 11.44 20.77 -12.80
C GLY B 209 10.16 21.26 -13.43
N ASP B 210 9.04 20.74 -12.93
CA ASP B 210 7.73 21.12 -13.46
C ASP B 210 7.14 22.31 -12.71
N ARG B 211 7.44 22.46 -11.42
CA ARG B 211 6.97 23.57 -10.59
C ARG B 211 8.18 24.16 -9.87
N THR B 212 8.96 24.97 -10.60
CA THR B 212 10.14 25.59 -10.02
C THR B 212 9.88 26.99 -9.48
N ASP B 213 8.73 27.59 -9.79
CA ASP B 213 8.35 28.85 -9.16
C ASP B 213 8.38 28.69 -7.65
N LYS B 214 8.84 29.72 -6.95
CA LYS B 214 8.95 29.64 -5.49
C LYS B 214 7.59 29.31 -4.88
N GLY B 215 7.57 28.29 -4.02
CA GLY B 215 6.37 27.65 -3.56
C GLY B 215 6.21 26.23 -4.07
N GLY B 216 6.77 25.93 -5.24
CA GLY B 216 6.79 24.58 -5.74
C GLY B 216 7.84 23.76 -5.04
N ASN B 217 7.87 22.45 -5.36
CA ASN B 217 8.77 21.56 -4.65
C ASN B 217 10.20 21.64 -5.19
N ASP B 218 10.37 21.91 -6.49
CA ASP B 218 11.72 21.98 -7.05
C ASP B 218 12.40 23.30 -6.75
N TYR B 219 11.65 24.31 -6.28
CA TYR B 219 12.22 25.64 -6.06
C TYR B 219 13.46 25.60 -5.18
N GLU B 220 13.41 24.87 -4.08
CA GLU B 220 14.56 24.80 -3.17
C GLU B 220 15.78 24.23 -3.88
N LEU B 221 15.62 23.13 -4.61
CA LEU B 221 16.71 22.63 -5.43
C LEU B 221 17.04 23.60 -6.54
N PHE B 222 16.02 24.29 -7.07
CA PHE B 222 16.20 25.08 -8.28
C PHE B 222 17.21 26.22 -8.09
N CYS B 223 17.19 26.85 -6.92
CA CYS B 223 18.08 27.98 -6.67
C CYS B 223 19.34 27.61 -5.93
N ASP B 224 19.50 26.35 -5.53
CA ASP B 224 20.74 25.95 -4.89
C ASP B 224 21.92 26.17 -5.83
N LYS B 225 22.95 26.83 -5.32
CA LYS B 225 24.08 27.23 -6.16
C LYS B 225 24.88 26.06 -6.68
N ARG B 226 24.60 24.84 -6.23
CA ARG B 226 25.33 23.67 -6.71
C ARG B 226 24.89 23.22 -8.09
N VAL B 227 23.65 23.53 -8.49
CA VAL B 227 23.11 23.01 -9.75
C VAL B 227 22.64 24.17 -10.62
N LYS B 228 22.67 23.94 -11.92
CA LYS B 228 22.06 24.82 -12.91
C LYS B 228 20.78 24.18 -13.41
N GLY B 229 19.67 24.92 -13.35
CA GLY B 229 18.38 24.31 -13.52
C GLY B 229 17.49 24.81 -14.65
N TYR B 230 17.08 23.90 -15.51
CA TYR B 230 16.08 24.20 -16.53
C TYR B 230 14.68 24.11 -15.94
N LYS B 231 13.81 24.99 -16.42
CA LYS B 231 12.39 24.95 -16.06
C LYS B 231 11.63 24.52 -17.30
N VAL B 232 10.98 23.36 -17.21
CA VAL B 232 10.23 22.78 -18.32
C VAL B 232 8.75 23.08 -18.12
N LYS B 233 8.06 23.44 -19.20
CA LYS B 233 6.63 23.70 -19.10
C LYS B 233 5.85 22.42 -18.78
N ASN B 234 6.24 21.31 -19.40
CA ASN B 234 5.63 19.99 -19.23
C ASN B 234 6.64 18.96 -19.71
N PRO B 235 6.32 17.65 -19.74
CA PRO B 235 7.29 16.70 -20.32
C PRO B 235 7.57 16.94 -21.79
N ASN B 236 6.56 17.37 -22.56
CA ASN B 236 6.82 17.68 -23.96
C ASN B 236 7.75 18.87 -24.10
N ASP B 237 7.64 19.84 -23.18
CA ASP B 237 8.60 20.95 -23.20
C ASP B 237 9.99 20.46 -22.84
N THR B 238 10.07 19.53 -21.88
CA THR B 238 11.36 18.94 -21.51
C THR B 238 12.05 18.35 -22.74
N VAL B 239 11.28 17.72 -23.62
CA VAL B 239 11.89 17.06 -24.78
C VAL B 239 12.31 18.07 -25.82
N LYS B 240 11.56 19.17 -25.97
CA LYS B 240 12.04 20.33 -26.73
C LYS B 240 13.36 20.81 -26.15
N ILE B 241 13.41 21.00 -24.83
CA ILE B 241 14.55 21.64 -24.19
C ILE B 241 15.82 20.81 -24.38
N LEU B 242 15.75 19.51 -24.07
CA LEU B 242 16.93 18.69 -24.30
C LEU B 242 17.30 18.57 -25.77
N ARG B 243 16.36 18.79 -26.68
CA ARG B 243 16.66 18.49 -28.09
C ARG B 243 17.39 19.61 -28.82
N GLU B 244 17.55 20.78 -28.21
CA GLU B 244 18.17 21.88 -28.94
C GLU B 244 19.66 21.66 -29.07
N ASN B 245 20.48 21.97 -28.06
CA ASN B 245 21.92 21.79 -28.20
C ASN B 245 22.43 20.47 -27.61
N PHE B 246 21.67 19.85 -26.71
CA PHE B 246 22.03 18.54 -26.20
C PHE B 246 21.83 17.50 -27.33
MG MG C . -3.83 -20.34 1.81
MG MG D . 6.76 17.64 -10.26
#